data_5YC2
#
_entry.id   5YC2
#
_cell.length_a   32.154
_cell.length_b   51.293
_cell.length_c   79.669
_cell.angle_alpha   94.920
_cell.angle_beta   100.560
_cell.angle_gamma   105.000
#
_symmetry.space_group_name_H-M   'P 1'
#
loop_
_entity.id
_entity.type
_entity.pdbx_description
1 polymer 'Ubiquitin-like protein SMT3,Bouquet formation protein 4'
2 polymer 'DNA-binding protein rap1'
3 water water
#
loop_
_entity_poly.entity_id
_entity_poly.type
_entity_poly.pdbx_seq_one_letter_code
_entity_poly.pdbx_strand_id
1 'polypeptide(L)'
;GPETHINLKVSDGSSEIFFKIKKTTPLRRLMEAFAKRQGKEMDSLRFLYDGIRIEADQTPEDLDMEDNDIIEAHRSLPAE
RNPLYKDDTLDHTPLIPKCRAQVIEFPDGPATFVRLKCTNPESKVPHFLMRMAKDSSISATSMFRSAFPKATQEEEDLEM
RWIRDNLNPIEDKRVAGLWVPPADALALAKDYSMTPFINALLEASST
;
A,C
2 'polypeptide(L)' GPLDDEEAFEKQVTSSYS B,D
#
# COMPACT_ATOMS: atom_id res chain seq x y z
N HIS A 5 -9.02 -15.02 -16.46
CA HIS A 5 -7.63 -14.60 -16.48
C HIS A 5 -7.28 -13.90 -17.79
N ILE A 6 -6.49 -12.83 -17.71
CA ILE A 6 -6.05 -12.08 -18.88
C ILE A 6 -4.58 -11.76 -18.75
N ASN A 7 -3.95 -11.50 -19.90
CA ASN A 7 -2.57 -11.04 -19.94
C ASN A 7 -2.52 -9.53 -19.91
N LEU A 8 -1.62 -8.99 -19.10
CA LEU A 8 -1.48 -7.55 -18.95
C LEU A 8 -0.01 -7.15 -19.07
N LYS A 9 0.23 -6.07 -19.82
CA LYS A 9 1.56 -5.52 -20.01
C LYS A 9 1.72 -4.28 -19.15
N VAL A 10 2.82 -4.19 -18.41
CA VAL A 10 3.11 -3.06 -17.54
C VAL A 10 4.49 -2.53 -17.90
N SER A 11 4.56 -1.24 -18.26
CA SER A 11 5.79 -0.63 -18.70
C SER A 11 5.96 0.73 -18.05
N ASP A 12 7.19 1.06 -17.68
CA ASP A 12 7.53 2.39 -17.18
C ASP A 12 8.30 3.22 -18.20
N GLY A 13 8.20 2.87 -19.48
CA GLY A 13 8.92 3.55 -20.53
C GLY A 13 10.25 2.92 -20.89
N SER A 14 10.89 2.25 -19.95
CA SER A 14 12.19 1.62 -20.17
C SER A 14 12.12 0.09 -20.19
N SER A 15 11.29 -0.51 -19.35
CA SER A 15 11.21 -1.95 -19.23
C SER A 15 9.75 -2.40 -19.21
N GLU A 16 9.44 -3.41 -20.01
CA GLU A 16 8.08 -3.94 -20.12
C GLU A 16 8.04 -5.35 -19.56
N ILE A 17 7.08 -5.61 -18.68
CA ILE A 17 6.89 -6.92 -18.08
C ILE A 17 5.44 -7.35 -18.32
N PHE A 18 5.24 -8.59 -18.74
CA PHE A 18 3.93 -9.12 -19.05
C PHE A 18 3.47 -10.04 -17.93
N PHE A 19 2.22 -9.90 -17.51
CA PHE A 19 1.67 -10.64 -16.39
C PHE A 19 0.42 -11.41 -16.82
N LYS A 20 -0.17 -12.11 -15.86
CA LYS A 20 -1.38 -12.89 -16.11
C LYS A 20 -2.09 -13.08 -14.77
N ILE A 21 -3.27 -12.46 -14.62
CA ILE A 21 -4.05 -12.55 -13.40
C ILE A 21 -5.52 -12.74 -13.76
N LYS A 22 -6.27 -13.30 -12.82
CA LYS A 22 -7.71 -13.41 -12.99
C LYS A 22 -8.37 -12.05 -12.80
N LYS A 23 -9.53 -11.87 -13.45
CA LYS A 23 -10.20 -10.59 -13.45
C LYS A 23 -10.78 -10.20 -12.09
N THR A 24 -10.75 -11.11 -11.10
CA THR A 24 -11.29 -10.82 -9.78
C THR A 24 -10.23 -10.55 -8.73
N THR A 25 -8.95 -10.71 -9.08
CA THR A 25 -7.89 -10.39 -8.13
C THR A 25 -7.61 -8.89 -8.12
N PRO A 26 -7.25 -8.34 -6.97
CA PRO A 26 -6.90 -6.91 -6.91
C PRO A 26 -5.66 -6.62 -7.74
N LEU A 27 -5.66 -5.44 -8.37
CA LEU A 27 -4.53 -5.03 -9.19
C LEU A 27 -3.29 -4.67 -8.38
N ARG A 28 -3.43 -4.55 -7.05
CA ARG A 28 -2.26 -4.39 -6.20
C ARG A 28 -1.29 -5.56 -6.34
N ARG A 29 -1.82 -6.76 -6.57
CA ARG A 29 -0.96 -7.91 -6.84
C ARG A 29 -0.12 -7.69 -8.08
N LEU A 30 -0.73 -7.13 -9.13
CA LEU A 30 0.04 -6.80 -10.33
C LEU A 30 0.89 -5.56 -10.12
N MET A 31 0.46 -4.65 -9.22
CA MET A 31 1.28 -3.51 -8.87
C MET A 31 2.52 -3.93 -8.09
N GLU A 32 2.34 -4.81 -7.09
CA GLU A 32 3.47 -5.30 -6.32
C GLU A 32 4.36 -6.23 -7.15
N ALA A 33 3.80 -6.90 -8.15
CA ALA A 33 4.59 -7.75 -9.03
C ALA A 33 5.58 -6.91 -9.83
N PHE A 34 5.11 -5.83 -10.44
CA PHE A 34 5.98 -4.96 -11.23
C PHE A 34 6.96 -4.20 -10.34
N ALA A 35 6.48 -3.68 -9.21
CA ALA A 35 7.33 -2.86 -8.35
C ALA A 35 8.48 -3.69 -7.77
N LYS A 36 8.23 -4.95 -7.43
CA LYS A 36 9.27 -5.78 -6.87
C LYS A 36 10.40 -6.04 -7.87
N ARG A 37 10.04 -6.19 -9.15
CA ARG A 37 11.04 -6.42 -10.19
C ARG A 37 11.78 -5.15 -10.61
N GLN A 38 11.35 -3.99 -10.12
CA GLN A 38 12.08 -2.74 -10.35
C GLN A 38 12.94 -2.35 -9.17
N GLY A 39 12.88 -3.09 -8.07
CA GLY A 39 13.59 -2.71 -6.87
C GLY A 39 13.00 -1.50 -6.16
N LYS A 40 11.71 -1.23 -6.37
CA LYS A 40 11.05 -0.07 -5.81
C LYS A 40 9.91 -0.52 -4.90
N GLU A 41 9.48 0.40 -4.04
CA GLU A 41 8.32 0.15 -3.21
C GLU A 41 7.05 0.48 -3.99
N MET A 42 5.95 -0.19 -3.62
CA MET A 42 4.69 -0.03 -4.35
C MET A 42 4.15 1.39 -4.19
N ASP A 43 4.32 1.99 -3.02
CA ASP A 43 3.88 3.37 -2.81
C ASP A 43 4.71 4.36 -3.62
N SER A 44 5.93 3.99 -4.02
CA SER A 44 6.79 4.86 -4.81
C SER A 44 6.36 4.97 -6.27
N LEU A 45 5.30 4.26 -6.68
CA LEU A 45 4.86 4.26 -8.06
C LEU A 45 3.36 4.52 -8.12
N ARG A 46 2.91 4.95 -9.30
CA ARG A 46 1.48 5.05 -9.61
C ARG A 46 1.28 4.50 -11.01
N PHE A 47 0.09 3.93 -11.22
CA PHE A 47 -0.19 3.18 -12.44
C PHE A 47 -1.39 3.79 -13.15
N LEU A 48 -1.27 3.96 -14.46
CA LEU A 48 -2.30 4.60 -15.27
C LEU A 48 -2.84 3.62 -16.30
N TYR A 49 -4.14 3.68 -16.55
CA TYR A 49 -4.79 2.89 -17.59
C TYR A 49 -5.76 3.81 -18.31
N ASP A 50 -5.48 4.08 -19.60
CA ASP A 50 -6.22 5.07 -20.37
C ASP A 50 -6.22 6.43 -19.67
N GLY A 51 -5.09 6.77 -19.05
CA GLY A 51 -4.96 8.01 -18.33
C GLY A 51 -5.62 8.04 -16.96
N ILE A 52 -6.12 6.91 -16.48
CA ILE A 52 -6.82 6.84 -15.20
C ILE A 52 -5.90 6.18 -14.19
N ARG A 53 -5.67 6.85 -13.07
CA ARG A 53 -4.80 6.32 -12.01
C ARG A 53 -5.50 5.14 -11.35
N ILE A 54 -4.90 3.96 -11.46
CA ILE A 54 -5.49 2.75 -10.91
C ILE A 54 -5.28 2.73 -9.40
N GLU A 55 -6.34 2.41 -8.66
CA GLU A 55 -6.24 2.18 -7.23
C GLU A 55 -5.97 0.70 -6.97
N ALA A 56 -5.42 0.42 -5.78
CA ALA A 56 -5.00 -0.95 -5.47
C ALA A 56 -6.18 -1.90 -5.39
N ASP A 57 -7.28 -1.47 -4.77
CA ASP A 57 -8.42 -2.36 -4.54
C ASP A 57 -9.18 -2.69 -5.82
N GLN A 58 -8.92 -1.99 -6.93
CA GLN A 58 -9.64 -2.24 -8.16
C GLN A 58 -9.13 -3.51 -8.83
N THR A 59 -10.00 -4.14 -9.62
CA THR A 59 -9.73 -5.39 -10.30
C THR A 59 -9.83 -5.19 -11.81
N PRO A 60 -9.29 -6.13 -12.60
CA PRO A 60 -9.51 -6.06 -14.05
C PRO A 60 -10.97 -6.05 -14.46
N GLU A 61 -11.85 -6.63 -13.63
CA GLU A 61 -13.28 -6.58 -13.91
C GLU A 61 -13.89 -5.24 -13.53
N ASP A 62 -13.32 -4.55 -12.54
CA ASP A 62 -13.80 -3.22 -12.19
C ASP A 62 -13.62 -2.25 -13.35
N LEU A 63 -12.46 -2.27 -13.98
CA LEU A 63 -12.29 -1.60 -15.26
C LEU A 63 -12.75 -2.54 -16.38
N ASP A 64 -12.63 -2.07 -17.62
CA ASP A 64 -13.01 -2.88 -18.77
C ASP A 64 -11.80 -3.45 -19.48
N MET A 65 -10.82 -3.94 -18.73
CA MET A 65 -9.55 -4.36 -19.31
C MET A 65 -9.71 -5.63 -20.13
N GLU A 66 -9.09 -5.64 -21.30
CA GLU A 66 -9.04 -6.79 -22.18
C GLU A 66 -7.61 -7.37 -22.17
N ASP A 67 -7.39 -8.38 -22.99
CA ASP A 67 -6.07 -8.97 -23.10
C ASP A 67 -5.10 -8.01 -23.81
N ASN A 68 -3.84 -8.07 -23.39
CA ASN A 68 -2.74 -7.29 -23.95
C ASN A 68 -2.84 -5.80 -23.73
N ASP A 69 -3.76 -5.34 -22.87
CA ASP A 69 -3.82 -3.93 -22.55
C ASP A 69 -2.59 -3.51 -21.76
N ILE A 70 -2.19 -2.25 -21.94
CA ILE A 70 -0.96 -1.73 -21.36
C ILE A 70 -1.30 -0.84 -20.18
N ILE A 71 -0.62 -1.06 -19.05
CA ILE A 71 -0.76 -0.25 -17.85
C ILE A 71 0.54 0.55 -17.70
N GLU A 72 0.44 1.87 -17.85
CA GLU A 72 1.61 2.72 -17.71
C GLU A 72 2.00 2.85 -16.25
N ALA A 73 3.29 2.66 -15.98
CA ALA A 73 3.84 2.78 -14.63
C ALA A 73 4.66 4.06 -14.53
N HIS A 74 4.27 4.94 -13.63
CA HIS A 74 4.98 6.19 -13.40
C HIS A 74 5.24 6.35 -11.90
N ARG A 75 6.15 7.25 -11.57
CA ARG A 75 6.41 7.54 -10.17
C ARG A 75 5.20 8.23 -9.54
N SER A 76 5.08 8.09 -8.23
CA SER A 76 3.94 8.67 -7.53
C SER A 76 4.03 10.19 -7.49
N LEU A 77 2.86 10.82 -7.56
CA LEU A 77 2.71 12.26 -7.45
C LEU A 77 1.49 12.54 -6.58
N PRO A 78 1.41 13.73 -5.98
CA PRO A 78 0.27 14.03 -5.11
C PRO A 78 -1.06 13.86 -5.82
N ALA A 79 -2.09 13.57 -5.01
CA ALA A 79 -3.40 13.20 -5.55
C ALA A 79 -4.14 14.40 -6.13
N GLU A 80 -4.25 15.48 -5.36
CA GLU A 80 -5.04 16.65 -5.76
C GLU A 80 -4.14 17.58 -6.57
N ARG A 81 -4.29 17.55 -7.88
CA ARG A 81 -3.58 18.47 -8.75
C ARG A 81 -4.37 19.76 -8.91
N ASN A 82 -3.64 20.85 -9.14
CA ASN A 82 -4.26 22.16 -9.36
C ASN A 82 -5.25 22.07 -10.51
N PRO A 83 -6.52 22.44 -10.30
CA PRO A 83 -7.50 22.37 -11.40
C PRO A 83 -7.12 23.24 -12.59
N LEU A 84 -6.19 24.19 -12.41
CA LEU A 84 -5.73 25.01 -13.53
C LEU A 84 -5.03 24.18 -14.59
N TYR A 85 -4.49 23.02 -14.21
CA TYR A 85 -3.70 22.19 -15.11
C TYR A 85 -4.43 20.89 -15.48
N LYS A 86 -5.76 20.93 -15.54
CA LYS A 86 -6.52 19.76 -15.96
C LYS A 86 -6.50 19.57 -17.48
N ASP A 87 -5.73 20.39 -18.20
CA ASP A 87 -5.66 20.29 -19.66
C ASP A 87 -4.25 20.70 -20.07
N ASP A 88 -3.47 19.74 -20.56
CA ASP A 88 -2.10 20.00 -20.98
C ASP A 88 -1.98 20.43 -22.44
N THR A 89 -3.10 20.56 -23.14
CA THR A 89 -3.10 20.85 -24.57
C THR A 89 -3.53 22.26 -24.89
N LEU A 90 -3.76 23.10 -23.88
CA LEU A 90 -4.19 24.47 -24.12
C LEU A 90 -3.11 25.26 -24.85
N ASP A 91 -3.53 26.16 -25.73
CA ASP A 91 -2.59 26.96 -26.49
C ASP A 91 -1.81 27.89 -25.56
N HIS A 92 -0.48 27.80 -25.63
CA HIS A 92 0.39 28.57 -24.77
C HIS A 92 0.51 30.04 -25.18
N THR A 93 0.06 30.38 -26.39
CA THR A 93 0.31 31.72 -26.90
C THR A 93 -0.32 32.84 -26.07
N PRO A 94 -1.57 32.76 -25.61
CA PRO A 94 -2.13 33.88 -24.82
C PRO A 94 -1.54 34.01 -23.43
N LEU A 95 -0.71 33.07 -22.99
CA LEU A 95 -0.13 33.11 -21.66
C LEU A 95 1.19 33.89 -21.60
N ILE A 96 1.80 34.19 -22.75
CA ILE A 96 3.09 34.86 -22.79
C ILE A 96 2.98 36.30 -22.31
N PRO A 97 2.02 37.12 -22.79
CA PRO A 97 1.94 38.50 -22.30
C PRO A 97 1.59 38.62 -20.81
N LYS A 98 1.17 37.53 -20.17
CA LYS A 98 0.97 37.56 -18.73
C LYS A 98 2.26 37.38 -17.96
N CYS A 99 3.32 36.91 -18.62
CA CYS A 99 4.62 36.81 -17.98
C CYS A 99 5.24 38.20 -17.81
N ARG A 100 5.91 38.41 -16.69
CA ARG A 100 6.50 39.70 -16.37
C ARG A 100 7.96 39.52 -15.98
N ALA A 101 8.80 40.45 -16.46
CA ALA A 101 10.20 40.50 -16.08
C ALA A 101 10.35 41.36 -14.83
N GLN A 102 11.23 40.93 -13.93
CA GLN A 102 11.43 41.63 -12.67
C GLN A 102 12.88 41.52 -12.26
N VAL A 103 13.44 42.65 -11.83
CA VAL A 103 14.83 42.73 -11.35
C VAL A 103 14.82 42.62 -9.83
N ILE A 104 15.73 41.81 -9.29
CA ILE A 104 15.86 41.61 -7.86
C ILE A 104 17.31 41.84 -7.47
N GLU A 105 17.53 42.72 -6.49
CA GLU A 105 18.86 43.10 -6.06
C GLU A 105 19.37 42.11 -5.02
N PHE A 106 20.53 41.52 -5.27
CA PHE A 106 21.17 40.55 -4.41
C PHE A 106 22.43 41.13 -3.80
N PRO A 107 23.02 40.45 -2.80
CA PRO A 107 24.30 40.94 -2.24
C PRO A 107 25.41 41.06 -3.26
N ASP A 108 25.37 40.28 -4.35
CA ASP A 108 26.40 40.33 -5.37
C ASP A 108 25.93 41.00 -6.65
N GLY A 109 24.81 41.72 -6.61
CA GLY A 109 24.34 42.44 -7.77
C GLY A 109 22.92 42.09 -8.17
N PRO A 110 22.35 42.89 -9.05
CA PRO A 110 20.97 42.63 -9.48
C PRO A 110 20.89 41.47 -10.45
N ALA A 111 19.74 40.80 -10.44
CA ALA A 111 19.47 39.69 -11.34
C ALA A 111 18.03 39.80 -11.85
N THR A 112 17.83 39.42 -13.11
CA THR A 112 16.53 39.53 -13.75
C THR A 112 15.82 38.19 -13.75
N PHE A 113 14.56 38.18 -13.31
CA PHE A 113 13.71 37.01 -13.35
C PHE A 113 12.48 37.29 -14.22
N VAL A 114 11.82 36.22 -14.64
CA VAL A 114 10.57 36.30 -15.38
C VAL A 114 9.54 35.48 -14.63
N ARG A 115 8.43 36.10 -14.25
CA ARG A 115 7.42 35.48 -13.41
C ARG A 115 6.11 35.31 -14.18
N LEU A 116 5.38 34.25 -13.83
CA LEU A 116 4.06 33.99 -14.37
C LEU A 116 3.14 33.62 -13.23
N LYS A 117 2.13 34.45 -12.98
CA LYS A 117 1.22 34.22 -11.87
C LYS A 117 0.26 33.09 -12.21
N CYS A 118 0.00 32.23 -11.22
CA CYS A 118 -0.92 31.10 -11.37
C CYS A 118 -1.83 31.06 -10.16
N THR A 119 -3.13 30.89 -10.40
CA THR A 119 -4.11 30.91 -9.32
C THR A 119 -3.92 29.72 -8.39
N ASN A 120 -3.80 30.00 -7.10
CA ASN A 120 -3.70 28.95 -6.09
C ASN A 120 -5.07 28.79 -5.43
N PRO A 121 -5.75 27.65 -5.59
CA PRO A 121 -7.09 27.51 -5.02
C PRO A 121 -7.10 27.34 -3.51
N GLU A 122 -5.95 27.24 -2.86
CA GLU A 122 -5.88 26.98 -1.43
C GLU A 122 -5.36 28.15 -0.61
N SER A 123 -4.91 29.23 -1.23
CA SER A 123 -4.34 30.35 -0.50
C SER A 123 -4.55 31.64 -1.27
N LYS A 124 -4.64 32.74 -0.52
CA LYS A 124 -4.79 34.06 -1.10
C LYS A 124 -3.48 34.66 -1.56
N VAL A 125 -2.35 34.09 -1.13
CA VAL A 125 -1.04 34.62 -1.54
C VAL A 125 -0.78 34.23 -3.00
N PRO A 126 -0.29 35.15 -3.83
CA PRO A 126 -0.05 34.80 -5.24
C PRO A 126 1.14 33.88 -5.39
N HIS A 127 0.98 32.88 -6.25
CA HIS A 127 2.05 31.94 -6.57
C HIS A 127 2.54 32.19 -8.00
N PHE A 128 3.85 32.09 -8.20
CA PHE A 128 4.47 32.43 -9.47
C PHE A 128 5.37 31.31 -9.95
N LEU A 129 5.31 31.04 -11.25
CA LEU A 129 6.32 30.25 -11.93
C LEU A 129 7.48 31.16 -12.30
N MET A 130 8.67 30.86 -11.80
CA MET A 130 9.81 31.75 -11.91
C MET A 130 10.86 31.17 -12.85
N ARG A 131 11.48 32.05 -13.63
CA ARG A 131 12.53 31.71 -14.58
C ARG A 131 13.65 32.74 -14.45
N MET A 132 14.87 32.26 -14.30
CA MET A 132 16.02 33.16 -14.23
C MET A 132 16.48 33.50 -15.64
N ALA A 133 16.70 34.79 -15.89
CA ALA A 133 16.98 35.24 -17.25
C ALA A 133 18.38 34.84 -17.71
N LYS A 134 19.33 34.70 -16.79
CA LYS A 134 20.71 34.46 -17.18
C LYS A 134 20.87 33.12 -17.89
N ASP A 135 20.33 32.05 -17.30
CA ASP A 135 20.50 30.70 -17.83
C ASP A 135 19.18 30.03 -18.22
N SER A 136 18.07 30.76 -18.17
CA SER A 136 16.73 30.21 -18.46
C SER A 136 16.37 29.05 -17.55
N SER A 137 17.02 28.94 -16.39
CA SER A 137 16.68 27.89 -15.44
C SER A 137 15.31 28.18 -14.81
N ILE A 138 14.55 27.12 -14.57
CA ILE A 138 13.21 27.21 -14.00
C ILE A 138 13.18 26.48 -12.68
N SER A 139 12.57 27.10 -11.67
CA SER A 139 12.48 26.51 -10.33
C SER A 139 11.53 25.32 -10.37
N ALA A 140 12.06 24.11 -10.14
CA ALA A 140 11.21 22.95 -10.01
C ALA A 140 10.35 22.99 -8.76
N THR A 141 10.77 23.75 -7.75
CA THR A 141 9.97 23.86 -6.53
C THR A 141 8.71 24.68 -6.77
N SER A 142 8.83 25.79 -7.50
CA SER A 142 7.65 26.60 -7.80
C SER A 142 6.70 25.86 -8.74
N MET A 143 7.22 24.98 -9.59
CA MET A 143 6.36 24.17 -10.43
C MET A 143 5.60 23.13 -9.62
N PHE A 144 6.27 22.50 -8.66
CA PHE A 144 5.63 21.46 -7.86
C PHE A 144 4.58 22.03 -6.94
N ARG A 145 4.90 23.15 -6.25
CA ARG A 145 3.94 23.72 -5.33
C ARG A 145 2.74 24.34 -6.05
N SER A 146 2.93 24.78 -7.29
CA SER A 146 1.80 25.30 -8.06
C SER A 146 0.84 24.19 -8.46
N ALA A 147 1.37 23.04 -8.88
CA ALA A 147 0.53 21.95 -9.34
C ALA A 147 -0.07 21.12 -8.20
N PHE A 148 0.53 21.16 -7.02
CA PHE A 148 0.08 20.36 -5.88
C PHE A 148 0.06 21.22 -4.63
N PRO A 149 -0.97 22.06 -4.47
CA PRO A 149 -1.01 22.95 -3.30
C PRO A 149 -1.23 22.20 -1.99
N LYS A 150 -1.89 21.04 -2.01
CA LYS A 150 -2.16 20.27 -0.80
C LYS A 150 -1.13 19.17 -0.58
N ALA A 151 0.06 19.31 -1.15
CA ALA A 151 1.11 18.31 -0.96
C ALA A 151 1.75 18.45 0.42
N THR A 152 2.21 17.33 0.94
CA THR A 152 2.95 17.32 2.20
C THR A 152 4.43 17.53 1.95
N GLN A 153 5.13 17.96 2.99
CA GLN A 153 6.56 18.21 2.86
C GLN A 153 7.32 16.94 2.51
N GLU A 154 6.87 15.79 3.01
CA GLU A 154 7.48 14.52 2.62
C GLU A 154 7.25 14.24 1.14
N GLU A 155 6.05 14.53 0.64
CA GLU A 155 5.78 14.34 -0.78
C GLU A 155 6.64 15.25 -1.65
N GLU A 156 6.96 16.45 -1.15
CA GLU A 156 7.85 17.34 -1.90
C GLU A 156 9.29 16.89 -1.81
N ASP A 157 9.74 16.50 -0.62
CA ASP A 157 11.13 16.07 -0.45
C ASP A 157 11.45 14.84 -1.30
N LEU A 158 10.47 13.95 -1.49
CA LEU A 158 10.70 12.80 -2.36
C LEU A 158 10.75 13.21 -3.82
N GLU A 159 9.94 14.20 -4.21
CA GLU A 159 9.98 14.67 -5.59
C GLU A 159 11.30 15.37 -5.90
N MET A 160 11.74 16.27 -5.01
CA MET A 160 13.01 16.96 -5.23
C MET A 160 14.18 16.00 -5.19
N ARG A 161 14.09 14.93 -4.39
CA ARG A 161 15.09 13.87 -4.45
C ARG A 161 15.06 13.17 -5.80
N TRP A 162 13.87 13.03 -6.40
CA TRP A 162 13.79 12.44 -7.73
C TRP A 162 14.34 13.38 -8.79
N ILE A 163 14.16 14.68 -8.61
CA ILE A 163 14.70 15.66 -9.55
C ILE A 163 16.22 15.59 -9.55
N ARG A 164 16.83 15.54 -8.36
CA ARG A 164 18.28 15.51 -8.27
C ARG A 164 18.86 14.23 -8.84
N ASP A 165 18.12 13.12 -8.77
CA ASP A 165 18.64 11.84 -9.24
C ASP A 165 18.44 11.66 -10.74
N ASN A 166 17.30 12.13 -11.27
CA ASN A 166 16.96 11.87 -12.66
C ASN A 166 17.13 13.07 -13.58
N LEU A 167 17.25 14.28 -13.05
CA LEU A 167 17.42 15.46 -13.90
C LEU A 167 18.75 16.15 -13.62
N ASN A 168 18.80 17.47 -13.86
CA ASN A 168 20.01 18.26 -13.66
C ASN A 168 19.70 19.36 -12.66
N PRO A 169 19.90 19.12 -11.37
CA PRO A 169 19.55 20.11 -10.35
C PRO A 169 20.59 21.21 -10.23
N ILE A 170 20.11 22.43 -10.03
CA ILE A 170 20.96 23.59 -9.77
C ILE A 170 20.43 24.23 -8.48
N GLU A 171 21.24 24.18 -7.43
CA GLU A 171 20.85 24.73 -6.13
C GLU A 171 21.90 25.72 -5.66
N ASP A 172 21.44 26.88 -5.23
CA ASP A 172 22.30 27.96 -4.75
C ASP A 172 21.66 28.58 -3.52
N LYS A 173 22.43 28.70 -2.44
CA LYS A 173 21.88 29.19 -1.19
C LYS A 173 21.35 30.62 -1.28
N ARG A 174 21.77 31.38 -2.30
CA ARG A 174 21.28 32.73 -2.47
C ARG A 174 19.89 32.78 -3.10
N VAL A 175 19.43 31.69 -3.71
CA VAL A 175 18.13 31.64 -4.37
C VAL A 175 17.44 30.35 -3.98
N ALA A 176 16.29 30.45 -3.32
CA ALA A 176 15.62 29.29 -2.77
C ALA A 176 15.13 28.35 -3.88
N GLY A 177 14.89 27.10 -3.49
CA GLY A 177 14.28 26.13 -4.37
C GLY A 177 15.29 25.34 -5.19
N LEU A 178 14.76 24.40 -5.96
CA LEU A 178 15.53 23.56 -6.86
C LEU A 178 15.25 24.01 -8.29
N TRP A 179 16.32 24.26 -9.05
CA TRP A 179 16.20 24.83 -10.39
C TRP A 179 16.75 23.85 -11.42
N VAL A 180 16.09 23.80 -12.58
CA VAL A 180 16.43 22.85 -13.64
C VAL A 180 16.56 23.59 -14.96
N PRO A 181 17.34 23.07 -15.91
CA PRO A 181 17.46 23.73 -17.22
C PRO A 181 16.16 23.65 -18.00
N PRO A 182 16.02 24.42 -19.09
CA PRO A 182 14.74 24.41 -19.82
C PRO A 182 14.30 23.05 -20.31
N ALA A 183 15.24 22.17 -20.68
CA ALA A 183 14.87 20.84 -21.15
C ALA A 183 14.20 20.04 -20.04
N ASP A 184 14.75 20.09 -18.83
CA ASP A 184 14.13 19.38 -17.71
C ASP A 184 12.83 20.02 -17.28
N ALA A 185 12.71 21.35 -17.45
CA ALA A 185 11.48 22.04 -17.05
C ALA A 185 10.30 21.60 -17.90
N LEU A 186 10.53 21.38 -19.20
CA LEU A 186 9.47 20.89 -20.08
C LEU A 186 9.15 19.42 -19.83
N ALA A 187 10.09 18.65 -19.30
CA ALA A 187 9.79 17.27 -18.91
C ALA A 187 8.92 17.24 -17.67
N LEU A 188 9.23 18.08 -16.67
CA LEU A 188 8.37 18.19 -15.50
C LEU A 188 7.00 18.72 -15.87
N ALA A 189 6.92 19.58 -16.88
CA ALA A 189 5.64 20.08 -17.36
C ALA A 189 4.76 18.95 -17.88
N LYS A 190 5.37 17.91 -18.46
CA LYS A 190 4.60 16.77 -18.93
C LYS A 190 4.06 15.96 -17.76
N ASP A 191 4.86 15.76 -16.73
CA ASP A 191 4.40 15.02 -15.55
C ASP A 191 3.32 15.81 -14.81
N TYR A 192 3.51 17.12 -14.66
CA TYR A 192 2.59 17.97 -13.90
C TYR A 192 1.44 18.49 -14.74
N SER A 193 1.40 18.18 -16.03
CA SER A 193 0.40 18.71 -16.96
C SER A 193 0.46 20.24 -16.99
N MET A 194 1.68 20.76 -17.09
CA MET A 194 1.92 22.20 -17.10
C MET A 194 2.58 22.68 -18.38
N THR A 195 2.53 21.87 -19.44
CA THR A 195 3.23 22.19 -20.69
C THR A 195 2.88 23.57 -21.25
N PRO A 196 1.60 23.96 -21.38
CA PRO A 196 1.33 25.30 -21.93
C PRO A 196 1.87 26.43 -21.07
N PHE A 197 2.01 26.22 -19.76
CA PHE A 197 2.49 27.28 -18.88
C PHE A 197 4.01 27.41 -18.94
N ILE A 198 4.71 26.28 -18.89
CA ILE A 198 6.17 26.32 -18.98
C ILE A 198 6.61 26.73 -20.38
N ASN A 199 5.87 26.29 -21.40
CA ASN A 199 6.20 26.67 -22.78
C ASN A 199 6.14 28.19 -22.96
N ALA A 200 5.15 28.84 -22.33
CA ALA A 200 5.03 30.29 -22.43
C ALA A 200 6.05 31.00 -21.55
N LEU A 201 6.42 30.40 -20.41
CA LEU A 201 7.40 31.02 -19.54
C LEU A 201 8.79 31.04 -20.17
N LEU A 202 9.10 30.03 -20.99
CA LEU A 202 10.40 30.00 -21.66
C LEU A 202 10.45 30.92 -22.87
N GLU A 203 9.31 31.16 -23.53
CA GLU A 203 9.24 32.01 -24.70
C GLU A 203 9.03 33.48 -24.36
N ALA A 204 8.93 33.81 -23.08
CA ALA A 204 8.65 35.18 -22.67
C ALA A 204 9.92 36.02 -22.69
N SER A 205 9.75 37.32 -22.94
CA SER A 205 10.87 38.22 -23.01
C SER A 205 11.46 38.46 -21.61
N SER A 206 12.78 38.58 -21.56
CA SER A 206 13.48 38.78 -20.29
C SER A 206 14.06 40.19 -20.21
N PRO B 2 2.77 43.96 0.26
CA PRO B 2 2.85 42.62 0.83
C PRO B 2 2.16 41.58 -0.04
N LEU B 3 1.00 41.94 -0.58
CA LEU B 3 0.22 41.07 -1.45
C LEU B 3 0.36 41.45 -2.92
N ASP B 4 1.12 42.49 -3.24
CA ASP B 4 1.33 42.87 -4.63
C ASP B 4 2.19 41.83 -5.33
N ASP B 5 2.08 41.79 -6.67
CA ASP B 5 2.80 40.80 -7.45
C ASP B 5 4.31 40.94 -7.27
N GLU B 6 4.83 42.17 -7.36
CA GLU B 6 6.26 42.38 -7.31
C GLU B 6 6.84 42.01 -5.95
N GLU B 7 6.15 42.38 -4.87
CA GLU B 7 6.68 42.10 -3.54
C GLU B 7 6.54 40.62 -3.18
N ALA B 8 5.42 40.00 -3.53
CA ALA B 8 5.24 38.59 -3.23
C ALA B 8 6.24 37.73 -3.99
N PHE B 9 6.53 38.09 -5.24
CA PHE B 9 7.48 37.31 -6.04
C PHE B 9 8.88 37.37 -5.46
N GLU B 10 9.28 38.53 -4.94
CA GLU B 10 10.63 38.67 -4.38
C GLU B 10 10.78 37.81 -3.14
N LYS B 11 9.78 37.83 -2.24
CA LYS B 11 9.86 37.01 -1.03
C LYS B 11 9.80 35.53 -1.37
N GLN B 12 9.20 35.18 -2.51
CA GLN B 12 9.09 33.77 -2.88
C GLN B 12 10.42 33.20 -3.37
N VAL B 13 11.29 34.05 -3.92
CA VAL B 13 12.56 33.56 -4.46
C VAL B 13 13.70 33.59 -3.44
N THR B 14 13.56 34.33 -2.34
CA THR B 14 14.63 34.51 -1.37
C THR B 14 14.17 34.14 0.03
N SER B 15 13.39 33.07 0.15
CA SER B 15 12.94 32.57 1.44
C SER B 15 12.50 31.11 1.33
N ASN C 7 -26.25 -40.74 10.77
CA ASN C 7 -26.42 -40.46 12.20
C ASN C 7 -25.20 -39.71 12.72
N LEU C 8 -25.01 -38.51 12.17
CA LEU C 8 -23.86 -37.66 12.45
C LEU C 8 -24.33 -36.29 12.97
N LYS C 9 -23.40 -35.34 12.99
CA LYS C 9 -23.65 -34.00 13.52
C LYS C 9 -22.54 -33.05 13.12
N VAL C 10 -22.89 -31.91 12.53
CA VAL C 10 -21.93 -30.90 12.10
C VAL C 10 -22.09 -29.68 13.00
N SER C 11 -20.97 -29.24 13.58
CA SER C 11 -20.95 -28.12 14.52
C SER C 11 -19.83 -27.16 14.16
N ASP C 12 -20.14 -25.87 14.14
CA ASP C 12 -19.15 -24.84 13.86
C ASP C 12 -18.76 -24.05 15.11
N GLY C 13 -19.07 -24.59 16.30
CA GLY C 13 -18.76 -23.90 17.54
C GLY C 13 -19.98 -23.30 18.21
N SER C 14 -20.87 -22.71 17.41
CA SER C 14 -22.08 -22.09 17.92
C SER C 14 -23.35 -22.72 17.39
N SER C 15 -23.38 -23.09 16.11
CA SER C 15 -24.55 -23.69 15.48
C SER C 15 -24.27 -25.16 15.22
N GLU C 16 -25.20 -26.02 15.66
CA GLU C 16 -25.08 -27.46 15.50
C GLU C 16 -26.33 -27.99 14.80
N ILE C 17 -26.12 -28.83 13.80
CA ILE C 17 -27.20 -29.46 13.06
C ILE C 17 -27.01 -30.97 13.12
N PHE C 18 -28.08 -31.69 13.43
CA PHE C 18 -28.06 -33.14 13.56
C PHE C 18 -28.59 -33.79 12.29
N PHE C 19 -27.85 -34.75 11.77
CA PHE C 19 -28.22 -35.49 10.57
C PHE C 19 -28.35 -36.97 10.90
N LYS C 20 -28.90 -37.73 9.96
CA LYS C 20 -28.96 -39.19 10.11
C LYS C 20 -28.92 -39.81 8.72
N ILE C 21 -27.73 -40.23 8.31
CA ILE C 21 -27.50 -40.85 7.01
C ILE C 21 -26.78 -42.18 7.23
N LYS C 22 -26.43 -42.83 6.12
CA LYS C 22 -25.74 -44.10 6.14
C LYS C 22 -24.37 -43.95 5.48
N LYS C 23 -23.53 -44.97 5.65
CA LYS C 23 -22.09 -44.84 5.46
C LYS C 23 -21.65 -44.82 4.00
N THR C 24 -22.54 -45.09 3.05
CA THR C 24 -22.14 -45.03 1.65
C THR C 24 -22.39 -43.66 1.02
N THR C 25 -23.09 -42.77 1.71
CA THR C 25 -23.40 -41.46 1.18
C THR C 25 -22.26 -40.50 1.46
N PRO C 26 -21.63 -39.92 0.43
CA PRO C 26 -20.50 -39.01 0.68
C PRO C 26 -20.87 -37.85 1.59
N LEU C 27 -19.84 -37.25 2.19
CA LEU C 27 -20.05 -36.16 3.14
C LEU C 27 -20.51 -34.88 2.49
N ARG C 28 -20.37 -34.76 1.16
CA ARG C 28 -20.75 -33.52 0.49
C ARG C 28 -22.24 -33.22 0.65
N ARG C 29 -23.08 -34.27 0.72
CA ARG C 29 -24.49 -34.07 0.98
C ARG C 29 -24.72 -33.36 2.31
N LEU C 30 -23.97 -33.76 3.34
CA LEU C 30 -24.08 -33.07 4.62
C LEU C 30 -23.41 -31.71 4.60
N MET C 31 -22.31 -31.58 3.85
CA MET C 31 -21.62 -30.30 3.76
C MET C 31 -22.51 -29.24 3.11
N GLU C 32 -23.17 -29.60 2.00
CA GLU C 32 -24.03 -28.63 1.34
C GLU C 32 -25.24 -28.30 2.19
N ALA C 33 -25.75 -29.29 2.94
CA ALA C 33 -26.90 -29.05 3.80
C ALA C 33 -26.54 -28.11 4.96
N PHE C 34 -25.34 -28.27 5.52
CA PHE C 34 -24.90 -27.37 6.58
C PHE C 34 -24.61 -25.98 6.02
N ALA C 35 -24.00 -25.92 4.84
CA ALA C 35 -23.69 -24.62 4.24
C ALA C 35 -24.95 -23.87 3.86
N LYS C 36 -25.95 -24.57 3.32
CA LYS C 36 -27.20 -23.91 2.96
C LYS C 36 -27.94 -23.36 4.17
N ARG C 37 -27.82 -24.03 5.32
CA ARG C 37 -28.50 -23.54 6.51
C ARG C 37 -27.78 -22.34 7.12
N GLN C 38 -26.46 -22.28 7.00
CA GLN C 38 -25.68 -21.16 7.49
C GLN C 38 -25.64 -19.99 6.51
N GLY C 39 -26.28 -20.13 5.35
CA GLY C 39 -26.26 -19.06 4.36
C GLY C 39 -24.88 -18.78 3.80
N LYS C 40 -24.01 -19.79 3.77
CA LYS C 40 -22.64 -19.64 3.33
C LYS C 40 -22.39 -20.54 2.13
N GLU C 41 -21.57 -20.07 1.19
CA GLU C 41 -21.06 -20.93 0.14
C GLU C 41 -20.17 -22.00 0.74
N MET C 42 -20.24 -23.21 0.18
CA MET C 42 -19.51 -24.34 0.75
C MET C 42 -18.00 -24.12 0.67
N ASP C 43 -17.54 -23.42 -0.37
CA ASP C 43 -16.10 -23.20 -0.53
C ASP C 43 -15.52 -22.41 0.64
N SER C 44 -16.30 -21.51 1.24
CA SER C 44 -15.85 -20.74 2.38
C SER C 44 -15.87 -21.53 3.68
N LEU C 45 -16.11 -22.85 3.61
CA LEU C 45 -16.14 -23.70 4.79
C LEU C 45 -15.27 -24.93 4.55
N ARG C 46 -14.51 -25.30 5.58
CA ARG C 46 -13.75 -26.54 5.60
C ARG C 46 -14.26 -27.41 6.75
N PHE C 47 -14.18 -28.72 6.58
CA PHE C 47 -14.78 -29.67 7.51
C PHE C 47 -13.71 -30.61 8.04
N LEU C 48 -13.71 -30.80 9.36
CA LEU C 48 -12.72 -31.62 10.05
C LEU C 48 -13.40 -32.81 10.71
N TYR C 49 -12.62 -33.87 10.91
CA TYR C 49 -13.09 -35.06 11.62
C TYR C 49 -11.86 -35.70 12.27
N ASP C 50 -11.80 -35.64 13.61
CA ASP C 50 -10.63 -36.11 14.37
C ASP C 50 -9.37 -35.35 13.96
N GLY C 51 -9.52 -34.05 13.68
CA GLY C 51 -8.40 -33.18 13.38
C GLY C 51 -8.00 -33.15 11.92
N ILE C 52 -8.21 -34.24 11.19
CA ILE C 52 -7.84 -34.32 9.77
C ILE C 52 -9.00 -33.80 8.93
N ARG C 53 -8.66 -33.06 7.87
CA ARG C 53 -9.66 -32.48 7.00
C ARG C 53 -10.49 -33.57 6.32
N ILE C 54 -11.73 -33.21 5.98
CA ILE C 54 -12.62 -34.07 5.21
C ILE C 54 -12.70 -33.51 3.80
N GLU C 55 -12.26 -34.30 2.82
CA GLU C 55 -12.47 -33.93 1.43
C GLU C 55 -13.92 -34.19 1.05
N ALA C 56 -14.44 -33.36 0.16
CA ALA C 56 -15.84 -33.46 -0.26
C ALA C 56 -16.12 -34.71 -1.09
N ASP C 57 -15.18 -35.66 -1.18
CA ASP C 57 -15.37 -36.89 -1.93
C ASP C 57 -15.31 -38.13 -1.07
N GLN C 58 -15.00 -38.02 0.22
CA GLN C 58 -14.86 -39.17 1.09
C GLN C 58 -16.24 -39.67 1.52
N THR C 59 -16.27 -40.60 2.46
CA THR C 59 -17.50 -41.28 2.85
C THR C 59 -17.43 -41.61 4.33
N PRO C 60 -18.58 -41.78 4.99
CA PRO C 60 -18.57 -42.26 6.39
C PRO C 60 -18.05 -43.68 6.56
N GLU C 61 -17.63 -44.33 5.46
CA GLU C 61 -16.90 -45.59 5.55
C GLU C 61 -15.47 -45.49 5.05
N ASP C 62 -15.19 -44.56 4.12
CA ASP C 62 -13.80 -44.20 3.86
C ASP C 62 -13.14 -43.66 5.11
N LEU C 63 -13.91 -42.97 5.95
CA LEU C 63 -13.51 -42.64 7.31
C LEU C 63 -14.22 -43.59 8.26
N ASP C 64 -13.51 -44.04 9.30
CA ASP C 64 -14.06 -45.01 10.24
C ASP C 64 -15.05 -44.34 11.19
N MET C 65 -16.11 -43.79 10.61
CA MET C 65 -17.09 -43.04 11.37
C MET C 65 -18.06 -43.96 12.09
N GLU C 66 -18.49 -43.53 13.28
CA GLU C 66 -19.43 -44.25 14.11
C GLU C 66 -20.70 -43.41 14.29
N ASP C 67 -21.56 -43.84 15.21
CA ASP C 67 -22.76 -43.09 15.55
C ASP C 67 -22.41 -41.92 16.46
N ASN C 68 -23.16 -40.83 16.31
CA ASN C 68 -23.01 -39.62 17.11
C ASN C 68 -21.63 -38.98 16.96
N ASP C 69 -20.90 -39.30 15.89
CA ASP C 69 -19.61 -38.66 15.67
C ASP C 69 -19.80 -37.20 15.26
N ILE C 70 -18.80 -36.38 15.57
CA ILE C 70 -18.87 -34.93 15.39
C ILE C 70 -18.01 -34.54 14.20
N ILE C 71 -18.57 -33.70 13.33
CA ILE C 71 -17.83 -33.10 12.22
C ILE C 71 -17.72 -31.61 12.49
N GLU C 72 -16.48 -31.12 12.56
CA GLU C 72 -16.24 -29.71 12.84
C GLU C 72 -16.31 -28.91 11.55
N ALA C 73 -17.16 -27.90 11.53
CA ALA C 73 -17.26 -26.97 10.40
C ALA C 73 -16.45 -25.73 10.74
N HIS C 74 -15.47 -25.41 9.89
CA HIS C 74 -14.60 -24.27 10.10
C HIS C 74 -14.60 -23.38 8.86
N ARG C 75 -14.49 -22.08 9.10
CA ARG C 75 -14.30 -21.13 8.01
C ARG C 75 -13.02 -21.45 7.26
N SER C 76 -13.07 -21.25 5.93
CA SER C 76 -11.97 -21.67 5.07
C SER C 76 -10.68 -20.94 5.42
N LEU C 77 -9.60 -21.70 5.54
CA LEU C 77 -8.28 -21.19 5.86
C LEU C 77 -7.25 -22.07 5.16
N PRO C 78 -6.02 -21.59 4.99
CA PRO C 78 -5.01 -22.39 4.28
C PRO C 78 -4.79 -23.74 4.95
N ALA C 79 -4.49 -24.74 4.12
CA ALA C 79 -4.38 -26.12 4.58
C ALA C 79 -3.22 -26.30 5.56
N GLU C 80 -1.99 -26.13 5.08
CA GLU C 80 -0.80 -26.34 5.91
C GLU C 80 -0.62 -25.16 6.84
N ARG C 81 -0.63 -25.43 8.14
CA ARG C 81 -0.40 -24.41 9.16
C ARG C 81 0.99 -24.59 9.78
N ASN C 82 1.52 -23.50 10.32
CA ASN C 82 2.81 -23.55 10.99
C ASN C 82 2.73 -24.49 12.19
N PRO C 83 3.63 -25.47 12.30
CA PRO C 83 3.60 -26.36 13.48
C PRO C 83 3.89 -25.64 14.78
N LEU C 84 4.38 -24.40 14.75
CA LEU C 84 4.54 -23.63 15.97
C LEU C 84 3.23 -23.49 16.72
N TYR C 85 2.13 -23.34 15.98
CA TYR C 85 0.81 -23.14 16.55
C TYR C 85 -0.02 -24.42 16.54
N LYS C 86 0.62 -25.57 16.74
CA LYS C 86 -0.11 -26.84 16.78
C LYS C 86 -0.94 -26.97 18.05
N ASP C 87 -0.59 -26.24 19.11
CA ASP C 87 -1.30 -26.28 20.38
C ASP C 87 -1.73 -24.87 20.75
N ASP C 88 -3.04 -24.64 20.77
CA ASP C 88 -3.59 -23.38 21.24
C ASP C 88 -3.70 -23.33 22.77
N THR C 89 -3.15 -24.34 23.46
CA THR C 89 -3.25 -24.46 24.90
C THR C 89 -1.95 -24.08 25.61
N LEU C 90 -0.96 -23.59 24.88
CA LEU C 90 0.34 -23.30 25.48
C LEU C 90 0.23 -22.18 26.52
N ASP C 91 0.97 -22.35 27.62
CA ASP C 91 1.08 -21.30 28.61
C ASP C 91 1.87 -20.12 28.04
N HIS C 92 1.27 -18.93 28.10
CA HIS C 92 1.79 -17.78 27.38
C HIS C 92 2.82 -16.97 28.16
N THR C 93 3.03 -17.28 29.44
CA THR C 93 3.96 -16.49 30.26
C THR C 93 5.42 -16.61 29.81
N PRO C 94 5.94 -17.78 29.43
CA PRO C 94 7.34 -17.84 28.99
C PRO C 94 7.60 -17.09 27.69
N LEU C 95 6.56 -16.82 26.89
CA LEU C 95 6.74 -16.08 25.65
C LEU C 95 6.87 -14.58 25.87
N ILE C 96 6.42 -14.07 27.01
CA ILE C 96 6.49 -12.63 27.27
C ILE C 96 7.92 -12.13 27.33
N PRO C 97 8.85 -12.75 28.07
CA PRO C 97 10.24 -12.23 28.07
C PRO C 97 10.92 -12.30 26.72
N LYS C 98 10.44 -13.14 25.81
CA LYS C 98 11.03 -13.21 24.48
C LYS C 98 10.61 -12.05 23.59
N CYS C 99 9.60 -11.29 23.98
CA CYS C 99 9.24 -10.08 23.25
C CYS C 99 10.34 -9.02 23.42
N ARG C 100 10.35 -8.06 22.50
CA ARG C 100 11.32 -6.99 22.55
C ARG C 100 10.73 -5.74 21.90
N ALA C 101 11.00 -4.59 22.51
CA ALA C 101 10.54 -3.31 22.00
C ALA C 101 11.56 -2.72 21.03
N GLN C 102 11.06 -1.99 20.05
CA GLN C 102 11.89 -1.42 19.01
C GLN C 102 11.31 -0.09 18.56
N VAL C 103 12.19 0.89 18.36
CA VAL C 103 11.81 2.23 17.92
C VAL C 103 12.16 2.38 16.44
N ILE C 104 11.20 2.81 15.64
CA ILE C 104 11.37 2.98 14.20
C ILE C 104 11.14 4.45 13.86
N GLU C 105 12.00 5.00 13.01
CA GLU C 105 11.96 6.40 12.66
C GLU C 105 11.14 6.59 11.38
N PHE C 106 10.02 7.29 11.51
CA PHE C 106 9.15 7.67 10.40
C PHE C 106 9.30 9.16 10.13
N PRO C 107 8.85 9.64 8.96
CA PRO C 107 8.93 11.08 8.69
C PRO C 107 8.25 11.94 9.72
N ASP C 108 7.11 11.50 10.25
CA ASP C 108 6.36 12.27 11.23
C ASP C 108 6.76 11.96 12.67
N GLY C 109 7.87 11.27 12.88
CA GLY C 109 8.36 11.01 14.22
C GLY C 109 8.60 9.54 14.48
N PRO C 110 9.18 9.22 15.63
CA PRO C 110 9.43 7.81 15.97
C PRO C 110 8.19 7.13 16.55
N ALA C 111 8.02 5.86 16.18
CA ALA C 111 6.94 5.04 16.70
C ALA C 111 7.53 3.79 17.33
N THR C 112 7.09 3.48 18.55
CA THR C 112 7.60 2.32 19.28
C THR C 112 6.76 1.10 18.95
N PHE C 113 7.44 -0.02 18.69
CA PHE C 113 6.80 -1.28 18.37
C PHE C 113 7.27 -2.36 19.34
N VAL C 114 6.53 -3.46 19.38
CA VAL C 114 6.89 -4.63 20.17
C VAL C 114 6.82 -5.84 19.25
N ARG C 115 7.95 -6.53 19.09
CA ARG C 115 8.05 -7.65 18.18
C ARG C 115 8.24 -8.95 18.94
N LEU C 116 7.81 -10.05 18.33
CA LEU C 116 8.04 -11.39 18.86
C LEU C 116 8.46 -12.29 17.72
N LYS C 117 9.68 -12.82 17.81
CA LYS C 117 10.20 -13.70 16.77
C LYS C 117 9.51 -15.06 16.84
N CYS C 118 8.93 -15.49 15.72
CA CYS C 118 8.28 -16.79 15.62
C CYS C 118 8.94 -17.57 14.50
N THR C 119 9.59 -18.68 14.86
CA THR C 119 10.41 -19.45 13.94
C THR C 119 9.69 -20.75 13.57
N ASN C 120 9.59 -21.00 12.28
CA ASN C 120 9.01 -22.26 11.80
C ASN C 120 9.94 -23.40 12.14
N PRO C 121 9.50 -24.40 12.92
CA PRO C 121 10.41 -25.49 13.31
C PRO C 121 10.89 -26.33 12.15
N GLU C 122 10.16 -26.39 11.05
CA GLU C 122 10.58 -27.21 9.91
C GLU C 122 11.56 -26.47 9.02
N SER C 123 11.07 -25.43 8.31
CA SER C 123 11.88 -24.71 7.34
C SER C 123 12.86 -23.73 7.98
N LYS C 124 12.78 -23.52 9.30
CA LYS C 124 13.65 -22.57 10.01
C LYS C 124 13.56 -21.17 9.42
N VAL C 125 12.41 -20.81 8.85
CA VAL C 125 12.16 -19.46 8.36
C VAL C 125 11.43 -18.70 9.47
N PRO C 126 11.97 -17.59 9.96
CA PRO C 126 11.34 -16.86 11.05
C PRO C 126 10.38 -15.78 10.51
N HIS C 127 9.60 -15.24 11.44
CA HIS C 127 8.68 -14.15 11.15
C HIS C 127 8.30 -13.47 12.46
N PHE C 128 8.07 -12.17 12.38
CA PHE C 128 7.77 -11.38 13.56
C PHE C 128 6.28 -11.07 13.66
N LEU C 129 5.75 -11.18 14.87
CA LEU C 129 4.40 -10.70 15.16
C LEU C 129 4.51 -9.26 15.64
N MET C 130 3.78 -8.37 14.98
CA MET C 130 3.99 -6.93 15.11
C MET C 130 2.89 -6.31 15.97
N ARG C 131 3.28 -5.38 16.85
CA ARG C 131 2.34 -4.68 17.72
C ARG C 131 2.79 -3.22 17.84
N MET C 132 1.89 -2.31 17.51
CA MET C 132 2.12 -0.89 17.75
C MET C 132 1.91 -0.57 19.23
N ALA C 133 2.80 0.22 19.80
CA ALA C 133 2.69 0.59 21.21
C ALA C 133 1.73 1.75 21.42
N LYS C 134 1.41 2.51 20.38
CA LYS C 134 0.53 3.67 20.55
C LYS C 134 -0.91 3.26 20.78
N ASP C 135 -1.44 2.35 19.95
CA ASP C 135 -2.82 1.92 20.05
C ASP C 135 -2.96 0.42 20.27
N SER C 136 -1.87 -0.28 20.59
CA SER C 136 -1.89 -1.72 20.89
C SER C 136 -2.46 -2.54 19.73
N SER C 137 -2.43 -2.00 18.53
CA SER C 137 -2.93 -2.72 17.36
C SER C 137 -1.92 -3.78 16.93
N ILE C 138 -2.43 -4.86 16.36
CA ILE C 138 -1.60 -6.00 15.95
C ILE C 138 -1.82 -6.23 14.47
N SER C 139 -0.72 -6.42 13.74
CA SER C 139 -0.78 -6.64 12.29
C SER C 139 -1.41 -7.99 12.00
N ALA C 140 -2.59 -7.98 11.36
CA ALA C 140 -3.21 -9.22 10.93
C ALA C 140 -2.43 -9.87 9.80
N THR C 141 -1.70 -9.07 9.01
CA THR C 141 -0.89 -9.64 7.94
C THR C 141 0.25 -10.47 8.49
N SER C 142 0.93 -10.00 9.53
CA SER C 142 2.02 -10.76 10.13
C SER C 142 1.52 -12.04 10.79
N MET C 143 0.31 -12.01 11.36
CA MET C 143 -0.27 -13.22 11.93
C MET C 143 -0.56 -14.25 10.86
N PHE C 144 -1.14 -13.82 9.73
CA PHE C 144 -1.50 -14.76 8.67
C PHE C 144 -0.26 -15.35 8.01
N ARG C 145 0.77 -14.56 7.82
CA ARG C 145 1.98 -15.04 7.15
C ARG C 145 2.87 -15.88 8.06
N SER C 146 2.77 -15.70 9.38
CA SER C 146 3.48 -16.58 10.29
C SER C 146 2.76 -17.92 10.44
N ALA C 147 1.44 -17.90 10.49
CA ALA C 147 0.67 -19.13 10.69
C ALA C 147 0.55 -19.95 9.42
N PHE C 148 0.60 -19.31 8.25
CA PHE C 148 0.43 -19.99 6.97
C PHE C 148 1.55 -19.55 6.02
N PRO C 149 2.75 -20.10 6.18
CA PRO C 149 3.85 -19.68 5.31
C PRO C 149 3.72 -20.15 3.88
N LYS C 150 3.05 -21.28 3.65
CA LYS C 150 2.86 -21.82 2.31
C LYS C 150 1.55 -21.37 1.67
N ALA C 151 1.02 -20.22 2.08
CA ALA C 151 -0.25 -19.74 1.55
C ALA C 151 -0.03 -18.97 0.26
N THR C 152 -0.94 -19.17 -0.69
CA THR C 152 -0.87 -18.48 -1.97
C THR C 152 -1.31 -17.03 -1.82
N GLN C 153 -1.05 -16.24 -2.87
CA GLN C 153 -1.47 -14.84 -2.86
C GLN C 153 -2.99 -14.73 -2.88
N GLU C 154 -3.67 -15.69 -3.50
CA GLU C 154 -5.13 -15.66 -3.55
C GLU C 154 -5.74 -16.09 -2.22
N GLU C 155 -5.07 -16.96 -1.48
CA GLU C 155 -5.52 -17.30 -0.14
C GLU C 155 -5.37 -16.12 0.81
N GLU C 156 -4.36 -15.28 0.62
CA GLU C 156 -4.23 -14.07 1.42
C GLU C 156 -5.24 -13.01 1.03
N ASP C 157 -5.57 -12.92 -0.26
CA ASP C 157 -6.59 -11.97 -0.71
C ASP C 157 -7.94 -12.29 -0.08
N LEU C 158 -8.35 -13.56 -0.13
CA LEU C 158 -9.63 -13.95 0.46
C LEU C 158 -9.64 -13.74 1.97
N GLU C 159 -8.49 -13.88 2.62
CA GLU C 159 -8.44 -13.75 4.08
C GLU C 159 -8.51 -12.28 4.50
N MET C 160 -7.77 -11.40 3.83
CA MET C 160 -7.80 -10.00 4.21
C MET C 160 -9.16 -9.36 3.90
N ARG C 161 -9.84 -9.83 2.86
CA ARG C 161 -11.20 -9.37 2.60
C ARG C 161 -12.17 -9.88 3.66
N TRP C 162 -11.90 -11.06 4.23
CA TRP C 162 -12.73 -11.54 5.33
C TRP C 162 -12.53 -10.71 6.57
N ILE C 163 -11.28 -10.35 6.88
CA ILE C 163 -10.99 -9.55 8.07
C ILE C 163 -11.66 -8.19 7.96
N ARG C 164 -11.69 -7.62 6.75
CA ARG C 164 -12.35 -6.33 6.56
C ARG C 164 -13.86 -6.44 6.69
N ASP C 165 -14.43 -7.62 6.43
CA ASP C 165 -15.88 -7.80 6.47
C ASP C 165 -16.39 -8.24 7.84
N ASN C 166 -15.56 -8.88 8.66
CA ASN C 166 -16.00 -9.39 9.95
C ASN C 166 -15.28 -8.78 11.15
N LEU C 167 -14.10 -8.20 10.96
CA LEU C 167 -13.38 -7.52 12.03
C LEU C 167 -13.33 -6.02 11.74
N ASN C 168 -12.58 -5.28 12.56
CA ASN C 168 -12.45 -3.84 12.44
C ASN C 168 -11.00 -3.50 12.14
N PRO C 169 -10.55 -3.68 10.90
CA PRO C 169 -9.14 -3.46 10.57
C PRO C 169 -8.82 -1.98 10.44
N ILE C 170 -7.52 -1.69 10.53
CA ILE C 170 -7.00 -0.33 10.43
C ILE C 170 -5.99 -0.30 9.29
N GLU C 171 -6.20 0.59 8.34
CA GLU C 171 -5.32 0.76 7.20
C GLU C 171 -4.62 2.11 7.28
N ASP C 172 -3.30 2.11 7.09
CA ASP C 172 -2.49 3.31 7.20
C ASP C 172 -1.42 3.29 6.13
N LYS C 173 -1.29 4.39 5.38
CA LYS C 173 -0.31 4.44 4.30
C LYS C 173 1.12 4.32 4.83
N ARG C 174 1.36 4.75 6.07
CA ARG C 174 2.71 4.78 6.62
C ARG C 174 3.19 3.43 7.11
N VAL C 175 2.31 2.42 7.15
CA VAL C 175 2.67 1.11 7.71
C VAL C 175 1.96 0.04 6.92
N ALA C 176 2.70 -0.97 6.47
CA ALA C 176 2.16 -1.99 5.58
C ALA C 176 1.29 -2.98 6.34
N GLY C 177 0.30 -3.52 5.63
CA GLY C 177 -0.52 -4.61 6.15
C GLY C 177 -1.78 -4.15 6.84
N LEU C 178 -2.60 -5.13 7.20
CA LEU C 178 -3.83 -4.91 7.95
C LEU C 178 -3.55 -5.02 9.45
N TRP C 179 -4.05 -4.05 10.22
CA TRP C 179 -3.88 -4.02 11.66
C TRP C 179 -5.24 -4.00 12.33
N VAL C 180 -5.35 -4.70 13.46
CA VAL C 180 -6.62 -4.86 14.16
C VAL C 180 -6.44 -4.53 15.64
N PRO C 181 -7.49 -4.10 16.33
CA PRO C 181 -7.38 -3.88 17.78
C PRO C 181 -7.14 -5.20 18.50
N PRO C 182 -6.67 -5.16 19.75
CA PRO C 182 -6.35 -6.42 20.45
C PRO C 182 -7.51 -7.40 20.55
N ALA C 183 -8.75 -6.89 20.65
CA ALA C 183 -9.90 -7.80 20.69
C ALA C 183 -10.04 -8.57 19.38
N ASP C 184 -9.89 -7.87 18.25
CA ASP C 184 -9.97 -8.54 16.95
C ASP C 184 -8.79 -9.47 16.74
N ALA C 185 -7.60 -9.10 17.23
CA ALA C 185 -6.44 -9.96 17.08
C ALA C 185 -6.59 -11.25 17.88
N LEU C 186 -7.10 -11.16 19.11
CA LEU C 186 -7.35 -12.36 19.91
C LEU C 186 -8.38 -13.25 19.24
N ALA C 187 -9.44 -12.66 18.66
CA ALA C 187 -10.42 -13.45 17.93
C ALA C 187 -9.79 -14.11 16.71
N LEU C 188 -8.89 -13.41 16.04
CA LEU C 188 -8.20 -14.01 14.89
C LEU C 188 -7.17 -15.03 15.34
N ALA C 189 -6.64 -14.90 16.57
CA ALA C 189 -5.69 -15.88 17.08
C ALA C 189 -6.36 -17.23 17.33
N LYS C 190 -7.64 -17.22 17.72
CA LYS C 190 -8.34 -18.48 17.94
C LYS C 190 -8.52 -19.24 16.63
N ASP C 191 -8.68 -18.53 15.52
CA ASP C 191 -8.76 -19.18 14.21
C ASP C 191 -7.41 -19.66 13.71
N TYR C 192 -6.33 -18.95 14.06
CA TYR C 192 -4.98 -19.33 13.69
C TYR C 192 -4.31 -20.22 14.73
N SER C 193 -4.97 -20.48 15.86
CA SER C 193 -4.40 -21.25 16.95
C SER C 193 -3.14 -20.59 17.50
N MET C 194 -3.14 -19.26 17.54
CA MET C 194 -2.02 -18.47 18.04
C MET C 194 -2.35 -17.75 19.34
N THR C 195 -3.38 -18.20 20.06
CA THR C 195 -3.84 -17.45 21.23
C THR C 195 -2.78 -17.22 22.29
N PRO C 196 -1.92 -18.19 22.65
CA PRO C 196 -0.86 -17.87 23.62
C PRO C 196 0.13 -16.83 23.11
N PHE C 197 0.41 -16.82 21.81
CA PHE C 197 1.42 -15.90 21.28
C PHE C 197 0.88 -14.48 21.20
N ILE C 198 -0.41 -14.34 20.87
CA ILE C 198 -1.01 -13.01 20.82
C ILE C 198 -1.25 -12.47 22.22
N ASN C 199 -1.60 -13.34 23.17
CA ASN C 199 -1.72 -12.91 24.56
C ASN C 199 -0.39 -12.40 25.10
N ALA C 200 0.70 -13.09 24.77
CA ALA C 200 2.02 -12.67 25.25
C ALA C 200 2.42 -11.34 24.64
N LEU C 201 2.18 -11.16 23.33
CA LEU C 201 2.53 -9.91 22.67
C LEU C 201 1.77 -8.73 23.26
N LEU C 202 0.56 -8.97 23.75
CA LEU C 202 -0.23 -7.90 24.35
C LEU C 202 0.21 -7.61 25.78
N GLU C 203 0.57 -8.64 26.53
CA GLU C 203 0.98 -8.48 27.92
C GLU C 203 2.42 -8.04 28.09
N ALA C 204 3.14 -7.78 27.00
CA ALA C 204 4.53 -7.36 27.08
C ALA C 204 4.60 -5.86 27.34
N SER C 205 5.82 -5.38 27.60
CA SER C 205 6.09 -3.99 27.86
C SER C 205 6.61 -3.30 26.60
N SER C 206 6.55 -1.97 26.60
CA SER C 206 7.02 -1.18 25.47
C SER C 206 8.08 -0.18 25.91
N GLY D 1 21.12 -12.68 16.32
CA GLY D 1 21.65 -11.33 16.19
C GLY D 1 20.59 -10.26 16.24
N PRO D 2 20.56 -9.48 17.33
CA PRO D 2 19.56 -8.41 17.43
C PRO D 2 19.64 -7.40 16.30
N LEU D 3 20.83 -7.14 15.77
CA LEU D 3 20.96 -6.19 14.68
C LEU D 3 20.23 -6.67 13.43
N ASP D 4 20.37 -7.95 13.10
CA ASP D 4 19.65 -8.52 11.97
C ASP D 4 18.15 -8.61 12.25
N ASP D 5 17.77 -8.78 13.52
CA ASP D 5 16.35 -8.80 13.86
C ASP D 5 15.73 -7.42 13.72
N GLU D 6 16.46 -6.37 14.10
CA GLU D 6 15.92 -5.02 13.99
C GLU D 6 15.77 -4.61 12.53
N GLU D 7 16.71 -5.01 11.68
CA GLU D 7 16.61 -4.69 10.26
C GLU D 7 15.49 -5.48 9.60
N ALA D 8 15.30 -6.73 10.01
CA ALA D 8 14.24 -7.54 9.43
C ALA D 8 12.87 -7.05 9.86
N PHE D 9 12.70 -6.73 11.15
CA PHE D 9 11.41 -6.24 11.63
C PHE D 9 11.08 -4.88 11.03
N GLU D 10 12.08 -4.03 10.82
CA GLU D 10 11.83 -2.72 10.23
C GLU D 10 11.40 -2.84 8.77
N LYS D 11 11.83 -3.89 8.07
CA LYS D 11 11.38 -4.09 6.70
C LYS D 11 9.94 -4.59 6.64
N GLN D 12 9.49 -5.31 7.67
CA GLN D 12 8.12 -5.80 7.69
C GLN D 12 7.10 -4.69 7.88
N VAL D 13 7.50 -3.58 8.50
CA VAL D 13 6.58 -2.47 8.75
C VAL D 13 6.64 -1.40 7.67
N THR D 14 7.72 -1.32 6.89
CA THR D 14 7.90 -0.30 5.88
C THR D 14 7.89 -0.89 4.47
N SER D 15 7.03 -1.87 4.24
CA SER D 15 6.89 -2.54 2.95
C SER D 15 8.23 -3.14 2.51
#